data_4F3S
#
_entry.id   4F3S
#
_cell.length_a   80.406
_cell.length_b   80.406
_cell.length_c   187.041
_cell.angle_alpha   90.00
_cell.angle_beta   90.00
_cell.angle_gamma   120.00
#
_symmetry.space_group_name_H-M   'P 61 2 2'
#
loop_
_entity.id
_entity.type
_entity.pdbx_description
1 polymer 'Putative periplasmic binding protein'
2 non-polymer GLYCINE
3 non-polymer D-ALANINE
4 non-polymer 'PHOSPHATE ION'
5 water water
#
_entity_poly.entity_id   1
_entity_poly.type   'polypeptide(L)'
_entity_poly.pdbx_seq_one_letter_code
;(MSE)VDSIVEGRTLNVAVSPASPP(MSE)LFKSADGKLQGIDLELFSSYCQSRHCKLNITEYAWDG(MSE)LGAVASGQ
ADVAFSGISITDKRKKVIDFSEPYYINSFYLVS(MSE)ANHKITLNNLNELNKYSIGYPRG(MSE)AYSDLIKNDLEPKG
YYSLSKVKLYPTYNET(MSE)ADLKNGNLDLAFIEEPVYFTFKNKKK(MSE)PIESRYVFKNVDQLGIAFKKGSPVRDDF
NLWLKEQGPQKISGIVDSW(MSE)KAENLYFQSHHHHHHWSHPQFEK
;
_entity_poly.pdbx_strand_id   A
#
# COMPACT_ATOMS: atom_id res chain seq x y z
N SER A 4 -30.87 -1.08 8.58
CA SER A 4 -29.47 -1.17 8.03
C SER A 4 -29.13 -2.60 7.56
N ILE A 5 -28.52 -2.69 6.38
CA ILE A 5 -27.83 -3.92 5.95
C ILE A 5 -26.32 -3.85 6.28
N VAL A 6 -25.93 -2.89 7.10
CA VAL A 6 -24.52 -2.74 7.51
C VAL A 6 -24.27 -2.84 9.02
N GLU A 7 -25.17 -2.29 9.85
CA GLU A 7 -24.96 -2.23 11.31
C GLU A 7 -24.96 -3.63 11.99
N GLY A 8 -24.20 -3.76 13.07
CA GLY A 8 -24.17 -5.00 13.87
C GLY A 8 -23.55 -6.22 13.22
N ARG A 9 -22.88 -6.06 12.09
CA ARG A 9 -22.43 -7.24 11.38
C ARG A 9 -21.02 -7.63 11.81
N THR A 10 -20.64 -8.88 11.54
CA THR A 10 -19.26 -9.35 11.78
C THR A 10 -18.56 -9.43 10.40
N LEU A 11 -17.50 -8.67 10.21
CA LEU A 11 -16.86 -8.64 8.88
C LEU A 11 -15.56 -9.46 8.85
N ASN A 12 -15.38 -10.30 7.83
CA ASN A 12 -14.11 -10.92 7.52
C ASN A 12 -13.17 -9.86 6.92
N VAL A 13 -12.03 -9.63 7.56
CA VAL A 13 -11.10 -8.59 7.19
C VAL A 13 -9.79 -9.28 6.86
N ALA A 14 -9.27 -9.04 5.67
CA ALA A 14 -7.96 -9.59 5.25
C ALA A 14 -6.90 -8.50 5.37
N VAL A 15 -5.72 -8.82 5.94
CA VAL A 15 -4.66 -7.80 6.18
C VAL A 15 -3.35 -8.47 5.81
N SER A 16 -2.29 -7.69 5.57
CA SER A 16 -0.98 -8.29 5.28
C SER A 16 -0.03 -7.24 5.82
N PRO A 17 0.15 -7.24 7.15
CA PRO A 17 0.61 -6.08 7.91
C PRO A 17 2.13 -5.80 7.84
N ALA A 18 2.65 -5.47 6.64
CA ALA A 18 4.07 -5.16 6.44
C ALA A 18 4.23 -3.87 5.56
N SER A 19 3.34 -2.87 5.77
CA SER A 19 3.24 -1.58 5.06
C SER A 19 3.08 -0.41 6.05
N PRO A 20 4.14 -0.18 6.88
CA PRO A 20 4.07 0.92 7.84
C PRO A 20 4.10 2.24 7.09
N PRO A 21 3.37 3.25 7.57
CA PRO A 21 2.53 3.20 8.80
C PRO A 21 1.11 2.81 8.55
N LEU A 23 -0.36 -0.21 7.79
CA LEU A 23 -0.61 -1.36 8.61
C LEU A 23 0.68 -2.10 8.83
N PHE A 24 0.98 -2.37 10.09
CA PHE A 24 2.18 -3.06 10.50
C PHE A 24 1.96 -3.66 11.93
N LYS A 25 2.94 -4.40 12.44
CA LYS A 25 2.90 -4.97 13.81
C LYS A 25 3.91 -4.30 14.73
N SER A 26 3.48 -3.85 15.93
CA SER A 26 4.41 -3.26 16.94
C SER A 26 5.43 -4.31 17.35
N ALA A 27 6.57 -3.89 17.94
CA ALA A 27 7.58 -4.84 18.56
C ALA A 27 6.90 -5.98 19.35
N ASP A 28 5.89 -5.59 20.11
CA ASP A 28 4.91 -6.46 20.74
C ASP A 28 4.25 -7.53 19.85
N GLY A 29 3.73 -7.17 18.67
CA GLY A 29 3.02 -8.15 17.82
C GLY A 29 1.54 -7.82 17.60
N LYS A 30 1.13 -6.67 18.11
CA LYS A 30 -0.23 -6.20 17.89
C LYS A 30 -0.28 -5.40 16.59
N LEU A 31 -1.36 -5.59 15.82
CA LEU A 31 -1.58 -4.79 14.61
C LEU A 31 -1.71 -3.35 14.98
N GLN A 32 -1.12 -2.49 14.15
CA GLN A 32 -1.15 -1.04 14.35
C GLN A 32 -1.25 -0.33 12.96
N GLY A 33 -1.79 0.87 12.93
CA GLY A 33 -1.59 1.75 11.82
C GLY A 33 -2.79 2.51 11.37
N ILE A 34 -2.54 3.41 10.43
CA ILE A 34 -3.61 4.21 9.81
C ILE A 34 -4.85 3.39 9.44
N ASP A 35 -4.71 2.26 8.71
CA ASP A 35 -5.92 1.55 8.15
C ASP A 35 -6.77 0.99 9.30
N LEU A 36 -6.08 0.47 10.31
CA LEU A 36 -6.74 -0.14 11.48
C LEU A 36 -7.44 0.94 12.27
N GLU A 37 -6.79 2.06 12.52
CA GLU A 37 -7.53 3.11 13.20
C GLU A 37 -8.74 3.58 12.41
N LEU A 38 -8.60 3.77 11.07
CA LEU A 38 -9.81 4.19 10.34
C LEU A 38 -10.87 3.16 10.39
N PHE A 39 -10.52 1.93 10.03
CA PHE A 39 -11.62 0.99 9.93
C PHE A 39 -12.27 0.63 11.32
N SER A 40 -11.44 0.61 12.38
CA SER A 40 -11.94 0.44 13.77
C SER A 40 -12.96 1.47 14.17
N SER A 41 -12.65 2.75 13.97
CA SER A 41 -13.66 3.82 14.27
C SER A 41 -14.89 3.61 13.45
N TYR A 42 -14.74 3.30 12.16
CA TYR A 42 -15.94 3.00 11.38
C TYR A 42 -16.76 1.88 12.09
N CYS A 43 -16.10 0.77 12.48
CA CYS A 43 -16.81 -0.37 13.07
C CYS A 43 -17.49 -0.02 14.37
N GLN A 44 -16.83 0.83 15.18
CA GLN A 44 -17.38 1.37 16.44
C GLN A 44 -18.65 2.22 16.17
N SER A 45 -18.58 3.11 15.18
CA SER A 45 -19.78 3.87 14.76
C SER A 45 -20.95 2.98 14.31
N ARG A 46 -20.65 1.94 13.54
CA ARG A 46 -21.69 1.06 13.05
C ARG A 46 -21.90 -0.22 13.88
N HIS A 47 -21.17 -0.39 14.98
CA HIS A 47 -21.40 -1.54 15.89
C HIS A 47 -21.14 -2.89 15.23
N CYS A 48 -20.05 -2.94 14.45
CA CYS A 48 -19.61 -4.11 13.71
C CYS A 48 -18.43 -4.71 14.41
N LYS A 49 -18.23 -6.00 14.21
CA LYS A 49 -17.02 -6.66 14.72
C LYS A 49 -16.14 -7.08 13.53
N LEU A 50 -14.83 -7.03 13.72
CA LEU A 50 -13.87 -7.52 12.75
C LEU A 50 -13.35 -8.93 13.04
N ASN A 51 -13.48 -9.84 12.09
CA ASN A 51 -12.75 -11.10 12.10
C ASN A 51 -11.49 -11.06 11.14
N ILE A 52 -10.35 -10.71 11.72
CA ILE A 52 -9.13 -10.37 10.97
C ILE A 52 -8.27 -11.58 10.72
N THR A 53 -7.93 -11.86 9.47
CA THR A 53 -6.95 -12.91 9.10
C THR A 53 -5.71 -12.24 8.42
N GLU A 54 -4.49 -12.65 8.82
CA GLU A 54 -3.26 -12.16 8.18
C GLU A 54 -2.91 -13.07 7.07
N TYR A 55 -2.59 -12.46 5.93
CA TYR A 55 -2.21 -13.23 4.79
C TYR A 55 -0.88 -12.69 4.32
N ALA A 56 -0.26 -13.41 3.39
CA ALA A 56 0.74 -12.79 2.53
C ALA A 56 -0.03 -11.82 1.61
N TRP A 57 0.69 -10.98 0.90
CA TRP A 57 0.10 -9.91 0.15
C TRP A 57 -0.85 -10.39 -0.91
N ASP A 58 -0.44 -11.38 -1.64
CA ASP A 58 -1.21 -12.04 -2.67
C ASP A 58 -2.45 -12.68 -2.09
N GLY A 59 -2.29 -13.26 -0.92
CA GLY A 59 -3.37 -13.83 -0.19
C GLY A 59 -4.44 -12.86 0.24
N LEU A 61 -5.13 -9.79 -1.23
CA LEU A 61 -5.84 -9.35 -2.45
C LEU A 61 -6.76 -10.48 -3.00
N GLY A 62 -6.24 -11.70 -3.06
CA GLY A 62 -6.99 -12.88 -3.50
C GLY A 62 -8.29 -13.04 -2.70
N ALA A 63 -8.19 -12.88 -1.35
CA ALA A 63 -9.34 -13.10 -0.45
C ALA A 63 -10.45 -12.06 -0.67
N VAL A 64 -10.06 -10.79 -0.81
CA VAL A 64 -11.09 -9.75 -1.03
C VAL A 64 -11.63 -9.85 -2.51
N ALA A 65 -10.77 -10.18 -3.48
CA ALA A 65 -11.20 -10.32 -4.86
C ALA A 65 -12.19 -11.53 -5.05
N SER A 66 -12.07 -12.59 -4.25
CA SER A 66 -12.95 -13.77 -4.43
C SER A 66 -14.21 -13.61 -3.58
N GLY A 67 -14.25 -12.57 -2.75
CA GLY A 67 -15.25 -12.37 -1.71
C GLY A 67 -15.16 -13.26 -0.45
N GLN A 68 -14.08 -14.01 -0.30
CA GLN A 68 -13.77 -14.67 0.92
C GLN A 68 -13.73 -13.65 2.08
N ALA A 69 -13.19 -12.45 1.81
CA ALA A 69 -13.07 -11.40 2.84
C ALA A 69 -14.05 -10.34 2.40
N ASP A 70 -14.72 -9.71 3.36
CA ASP A 70 -15.55 -8.53 3.10
C ASP A 70 -14.72 -7.27 2.87
N VAL A 71 -13.54 -7.18 3.49
CA VAL A 71 -12.72 -5.96 3.56
C VAL A 71 -11.25 -6.38 3.53
N ALA A 72 -10.39 -5.56 2.93
CA ALA A 72 -8.95 -5.75 2.98
C ALA A 72 -8.35 -4.37 3.15
N PHE A 73 -7.26 -4.34 3.89
CA PHE A 73 -6.47 -3.12 4.04
C PHE A 73 -5.10 -3.48 4.56
N SER A 74 -4.13 -2.87 3.89
CA SER A 74 -2.74 -2.73 4.30
C SER A 74 -2.07 -1.73 3.34
N GLY A 75 -2.50 -0.46 3.30
CA GLY A 75 -1.91 0.51 2.38
C GLY A 75 -2.08 0.05 0.92
N ILE A 76 -3.31 -0.33 0.56
CA ILE A 76 -3.62 -0.88 -0.79
C ILE A 76 -3.86 0.24 -1.80
N SER A 77 -3.08 0.23 -2.87
CA SER A 77 -3.23 1.17 -3.97
C SER A 77 -4.54 0.89 -4.77
N ILE A 78 -5.27 1.93 -5.09
CA ILE A 78 -6.46 1.82 -5.97
C ILE A 78 -6.00 1.81 -7.45
N THR A 79 -5.92 0.64 -8.05
CA THR A 79 -5.47 0.50 -9.44
C THR A 79 -6.65 0.11 -10.34
N ASP A 80 -6.55 0.42 -11.64
CA ASP A 80 -7.59 0.02 -12.61
C ASP A 80 -7.76 -1.50 -12.60
N LYS A 81 -6.66 -2.23 -12.61
CA LYS A 81 -6.77 -3.69 -12.63
C LYS A 81 -7.50 -4.23 -11.38
N ARG A 82 -7.22 -3.66 -10.20
CA ARG A 82 -7.88 -4.15 -8.97
C ARG A 82 -9.38 -3.77 -8.89
N LYS A 83 -9.73 -2.61 -9.42
CA LYS A 83 -11.09 -2.15 -9.42
C LYS A 83 -12.02 -3.03 -10.24
N LYS A 84 -11.50 -3.84 -11.13
CA LYS A 84 -12.33 -4.80 -11.84
C LYS A 84 -12.89 -5.86 -10.88
N VAL A 85 -12.15 -6.16 -9.81
CA VAL A 85 -12.57 -7.28 -8.95
C VAL A 85 -12.84 -6.89 -7.53
N ILE A 86 -12.57 -5.62 -7.21
CA ILE A 86 -12.63 -5.09 -5.85
C ILE A 86 -13.19 -3.70 -5.88
N ASP A 87 -14.05 -3.39 -4.93
CA ASP A 87 -14.51 -2.00 -4.80
C ASP A 87 -13.66 -1.29 -3.74
N PHE A 88 -13.34 -0.03 -3.96
CA PHE A 88 -12.51 0.73 -3.01
C PHE A 88 -13.28 1.89 -2.40
N SER A 89 -12.94 2.27 -1.17
CA SER A 89 -13.31 3.59 -0.63
C SER A 89 -12.72 4.70 -1.51
N GLU A 90 -13.20 5.92 -1.26
CA GLU A 90 -12.48 7.14 -1.64
C GLU A 90 -11.06 7.03 -1.11
N PRO A 91 -10.09 7.65 -1.81
CA PRO A 91 -8.71 7.55 -1.35
C PRO A 91 -8.47 8.28 -0.02
N TYR A 92 -7.68 7.74 0.90
CA TYR A 92 -7.32 8.54 2.08
C TYR A 92 -5.89 9.11 1.98
N TYR A 93 -5.16 8.75 0.91
CA TYR A 93 -3.84 9.35 0.76
C TYR A 93 -3.42 9.43 -0.69
N ILE A 94 -2.80 10.54 -1.09
CA ILE A 94 -2.35 10.67 -2.45
C ILE A 94 -0.89 10.26 -2.43
N ASN A 95 -0.52 9.24 -3.18
CA ASN A 95 0.72 8.48 -2.96
C ASN A 95 1.73 8.66 -4.08
N SER A 96 3.03 8.50 -3.76
CA SER A 96 4.12 8.67 -4.69
C SER A 96 5.04 7.44 -4.62
N PHE A 97 5.66 7.07 -5.73
CA PHE A 97 6.53 5.88 -5.82
C PHE A 97 7.94 6.36 -5.98
N TYR A 98 8.82 5.92 -5.07
CA TYR A 98 10.25 6.33 -5.12
C TYR A 98 11.09 5.19 -5.61
N LEU A 99 12.12 5.53 -6.37
CA LEU A 99 13.19 4.56 -6.65
C LEU A 99 14.34 4.89 -5.67
N VAL A 100 14.74 3.90 -4.87
CA VAL A 100 15.56 4.11 -3.68
C VAL A 100 16.81 3.26 -3.79
N SER A 101 17.95 3.86 -3.51
CA SER A 101 19.24 3.13 -3.44
C SER A 101 19.83 3.26 -2.05
N ALA A 103 22.50 4.87 0.40
CA ALA A 103 23.06 6.22 0.34
C ALA A 103 24.50 6.25 -0.24
N ASN A 104 25.28 5.18 -0.05
CA ASN A 104 26.65 5.17 -0.62
C ASN A 104 26.70 4.69 -2.08
N HIS A 105 25.54 4.45 -2.68
CA HIS A 105 25.54 3.94 -4.04
C HIS A 105 24.95 5.07 -4.88
N LYS A 106 25.82 5.82 -5.56
CA LYS A 106 25.40 7.16 -6.07
C LYS A 106 24.82 6.93 -7.46
N ILE A 107 23.56 6.56 -7.53
CA ILE A 107 22.90 6.40 -8.81
C ILE A 107 22.24 7.76 -9.12
N THR A 108 22.64 8.41 -10.21
CA THR A 108 22.06 9.66 -10.61
C THR A 108 21.07 9.32 -11.75
N LEU A 109 19.81 9.66 -11.57
CA LEU A 109 18.86 9.37 -12.61
C LEU A 109 18.35 10.67 -13.25
N ASN A 110 18.89 11.02 -14.41
CA ASN A 110 18.42 12.16 -15.19
C ASN A 110 17.04 12.03 -15.83
N ASN A 111 16.69 10.82 -16.28
CA ASN A 111 15.43 10.58 -16.90
C ASN A 111 15.25 9.05 -16.97
N LEU A 112 14.16 8.62 -17.56
CA LEU A 112 13.77 7.20 -17.53
C LEU A 112 14.59 6.30 -18.51
N ASN A 113 15.33 6.90 -19.44
CA ASN A 113 16.24 6.19 -20.34
C ASN A 113 17.40 5.59 -19.61
N GLU A 114 17.57 6.04 -18.37
CA GLU A 114 18.69 5.55 -17.55
C GLU A 114 18.39 4.32 -16.68
N LEU A 115 17.12 3.88 -16.64
CA LEU A 115 16.68 2.83 -15.74
C LEU A 115 17.20 1.42 -16.06
N ASN A 116 17.26 1.09 -17.36
CA ASN A 116 17.67 -0.25 -17.87
C ASN A 116 19.02 -0.72 -17.37
N LYS A 117 19.90 0.21 -17.08
CA LYS A 117 21.20 -0.14 -16.45
C LYS A 117 21.04 -0.91 -15.11
N TYR A 118 19.94 -0.71 -14.39
CA TYR A 118 19.85 -1.16 -12.98
C TYR A 118 18.84 -2.24 -12.73
N SER A 119 19.08 -3.03 -11.69
CA SER A 119 18.05 -3.96 -11.20
C SER A 119 17.09 -3.17 -10.31
N ILE A 120 15.79 -3.46 -10.48
CA ILE A 120 14.76 -2.84 -9.69
C ILE A 120 13.96 -3.89 -8.95
N GLY A 121 13.66 -3.72 -7.66
CA GLY A 121 13.02 -4.84 -6.93
C GLY A 121 11.97 -4.29 -6.03
N TYR A 122 10.94 -5.10 -5.75
CA TYR A 122 9.89 -4.65 -4.87
C TYR A 122 8.99 -5.85 -4.48
N PRO A 123 7.97 -5.65 -3.62
CA PRO A 123 7.29 -6.88 -3.25
C PRO A 123 6.34 -7.39 -4.34
N ARG A 124 6.30 -8.71 -4.47
CA ARG A 124 5.52 -9.44 -5.48
C ARG A 124 4.06 -9.09 -5.30
N GLY A 125 3.34 -8.76 -6.39
CA GLY A 125 1.88 -8.49 -6.27
C GLY A 125 1.59 -7.00 -6.00
N ALA A 127 1.73 -2.70 -6.76
CA ALA A 127 1.31 -1.90 -7.93
C ALA A 127 2.41 -1.33 -8.84
N TYR A 128 3.67 -1.46 -8.39
CA TYR A 128 4.80 -1.07 -9.17
C TYR A 128 4.77 -1.81 -10.52
N SER A 129 4.32 -3.07 -10.51
CA SER A 129 4.20 -3.86 -11.77
C SER A 129 3.34 -3.13 -12.84
N ASP A 130 2.22 -2.55 -12.43
CA ASP A 130 1.32 -1.84 -13.32
C ASP A 130 2.02 -0.62 -13.90
N LEU A 131 2.69 0.17 -13.04
CA LEU A 131 3.41 1.35 -13.47
C LEU A 131 4.41 0.92 -14.55
N ILE A 132 5.20 -0.13 -14.31
CA ILE A 132 6.12 -0.62 -15.27
C ILE A 132 5.44 -1.10 -16.58
N LYS A 133 4.42 -1.93 -16.46
CA LYS A 133 3.76 -2.53 -17.63
C LYS A 133 3.10 -1.43 -18.49
N ASN A 134 2.48 -0.46 -17.87
CA ASN A 134 1.74 0.55 -18.57
C ASN A 134 2.58 1.76 -19.01
N ASP A 135 3.49 2.25 -18.15
CA ASP A 135 4.21 3.49 -18.43
C ASP A 135 5.67 3.40 -18.76
N LEU A 136 6.34 2.31 -18.43
CA LEU A 136 7.76 2.24 -18.67
C LEU A 136 8.06 1.28 -19.82
N GLU A 137 7.38 0.14 -19.81
CA GLU A 137 7.64 -0.94 -20.77
C GLU A 137 7.35 -0.51 -22.25
N PRO A 138 6.20 0.15 -22.50
CA PRO A 138 5.90 0.53 -23.90
C PRO A 138 6.91 1.49 -24.52
N LYS A 139 7.55 2.33 -23.71
CA LYS A 139 8.56 3.25 -24.25
C LYS A 139 9.96 2.66 -24.17
N GLY A 140 10.07 1.39 -23.80
CA GLY A 140 11.37 0.77 -23.65
C GLY A 140 12.22 1.23 -22.45
N TYR A 141 11.64 1.89 -21.45
CA TYR A 141 12.46 2.32 -20.28
C TYR A 141 12.82 1.20 -19.35
N TYR A 142 11.98 0.18 -19.24
CA TYR A 142 12.29 -0.97 -18.41
C TYR A 142 11.36 -2.12 -18.85
N SER A 143 11.59 -3.35 -18.39
CA SER A 143 10.61 -4.43 -18.64
C SER A 143 10.35 -5.23 -17.39
N LEU A 144 9.12 -5.71 -17.22
CA LEU A 144 8.76 -6.56 -16.10
C LEU A 144 9.71 -7.69 -15.93
N SER A 145 10.35 -8.12 -17.00
CA SER A 145 11.10 -9.37 -16.91
C SER A 145 12.44 -9.15 -16.23
N LYS A 146 12.92 -7.91 -16.21
CA LYS A 146 14.16 -7.60 -15.47
C LYS A 146 13.94 -7.40 -13.95
N VAL A 147 12.69 -7.28 -13.52
CA VAL A 147 12.37 -6.90 -12.14
C VAL A 147 12.72 -8.02 -11.12
N LYS A 148 13.17 -7.70 -9.90
CA LYS A 148 13.28 -8.72 -8.86
C LYS A 148 12.17 -8.58 -7.87
N LEU A 149 11.50 -9.70 -7.57
CA LEU A 149 10.32 -9.68 -6.76
C LEU A 149 10.60 -10.31 -5.42
N TYR A 150 9.96 -9.82 -4.37
CA TYR A 150 10.28 -10.25 -3.01
C TYR A 150 9.00 -10.51 -2.32
N PRO A 151 9.04 -11.32 -1.24
CA PRO A 151 7.81 -11.49 -0.41
C PRO A 151 7.29 -10.20 0.18
N THR A 152 8.19 -9.36 0.72
CA THR A 152 7.78 -8.18 1.52
C THR A 152 8.82 -7.08 1.33
N TYR A 153 8.53 -5.91 1.87
CA TYR A 153 9.42 -4.78 1.80
C TYR A 153 10.72 -5.11 2.57
N ASN A 154 10.61 -5.91 3.65
CA ASN A 154 11.80 -6.32 4.41
C ASN A 154 12.81 -7.07 3.59
N GLU A 155 12.35 -8.07 2.82
CA GLU A 155 13.26 -8.80 1.97
C GLU A 155 13.85 -7.97 0.84
N THR A 156 13.01 -7.11 0.24
CA THR A 156 13.51 -6.19 -0.81
C THR A 156 14.66 -5.38 -0.15
N ALA A 158 16.57 -6.06 2.48
CA ALA A 158 17.75 -6.91 2.76
C ALA A 158 18.61 -7.02 1.52
N ASP A 159 18.03 -7.18 0.34
CA ASP A 159 18.86 -7.26 -0.84
C ASP A 159 19.46 -5.88 -1.26
N LEU A 160 18.72 -4.83 -0.95
CA LEU A 160 19.24 -3.49 -1.22
C LEU A 160 20.51 -3.30 -0.36
N LYS A 161 20.38 -3.66 0.89
CA LYS A 161 21.43 -3.41 1.87
C LYS A 161 22.68 -4.27 1.62
N ASN A 162 22.52 -5.49 1.15
CA ASN A 162 23.71 -6.30 0.89
C ASN A 162 24.28 -6.10 -0.48
N GLY A 163 23.65 -5.21 -1.27
CA GLY A 163 24.23 -4.99 -2.59
C GLY A 163 23.74 -5.82 -3.77
N ASN A 164 22.88 -6.81 -3.53
CA ASN A 164 22.34 -7.58 -4.65
C ASN A 164 21.28 -6.85 -5.50
N LEU A 165 20.63 -5.79 -4.99
CA LEU A 165 19.62 -4.99 -5.70
C LEU A 165 20.12 -3.53 -5.79
N ASP A 166 20.04 -2.92 -6.98
CA ASP A 166 20.43 -1.54 -7.18
C ASP A 166 19.41 -0.61 -6.60
N LEU A 167 18.13 -0.83 -6.95
CA LEU A 167 17.07 0.11 -6.63
C LEU A 167 15.87 -0.60 -6.15
N ALA A 168 15.31 -0.10 -5.05
CA ALA A 168 14.05 -0.65 -4.55
C ALA A 168 12.94 0.33 -4.93
N PHE A 169 11.79 -0.19 -5.30
CA PHE A 169 10.66 0.66 -5.63
C PHE A 169 9.87 0.71 -4.32
N ILE A 170 9.73 1.89 -3.74
CA ILE A 170 9.14 2.00 -2.44
C ILE A 170 8.20 3.20 -2.39
N GLU A 171 6.97 2.96 -1.95
CA GLU A 171 6.03 4.08 -1.81
C GLU A 171 6.42 4.96 -0.65
N GLU A 172 6.05 6.22 -0.83
CA GLU A 172 6.52 7.30 -0.01
C GLU A 172 6.44 7.09 1.55
N PRO A 173 5.24 6.79 2.10
CA PRO A 173 5.10 6.57 3.57
C PRO A 173 5.99 5.42 4.08
N VAL A 174 6.16 4.37 3.28
CA VAL A 174 7.02 3.26 3.67
C VAL A 174 8.52 3.70 3.66
N TYR A 175 8.90 4.43 2.61
CA TYR A 175 10.22 5.02 2.50
C TYR A 175 10.60 5.87 3.72
N PHE A 176 9.75 6.84 4.10
CA PHE A 176 9.97 7.66 5.26
C PHE A 176 10.01 6.87 6.57
N THR A 177 9.18 5.84 6.70
CA THR A 177 9.37 4.89 7.78
C THR A 177 10.77 4.27 7.80
N PHE A 178 11.23 3.71 6.69
CA PHE A 178 12.56 3.09 6.67
C PHE A 178 13.69 4.11 6.93
N LYS A 179 13.56 5.25 6.27
CA LYS A 179 14.62 6.24 6.32
C LYS A 179 14.61 7.00 7.66
N ASN A 180 13.47 7.58 8.01
CA ASN A 180 13.41 8.45 9.18
C ASN A 180 13.18 7.75 10.49
N LYS A 181 12.40 6.66 10.49
CA LYS A 181 12.10 6.01 11.73
C LYS A 181 12.98 4.81 12.03
N LYS A 182 13.24 3.98 11.02
CA LYS A 182 14.17 2.88 11.22
C LYS A 182 15.65 3.39 11.03
N LYS A 183 15.83 4.62 10.51
CA LYS A 183 17.16 5.20 10.26
C LYS A 183 18.05 4.41 9.27
N PRO A 185 20.16 3.91 6.06
CA PRO A 185 20.85 4.91 5.28
C PRO A 185 20.54 4.73 3.79
N ILE A 186 19.31 5.12 3.39
CA ILE A 186 18.83 4.91 1.98
C ILE A 186 18.49 6.31 1.44
N GLU A 187 18.45 6.48 0.11
CA GLU A 187 18.20 7.76 -0.51
C GLU A 187 17.31 7.50 -1.81
N SER A 188 16.19 8.20 -1.94
CA SER A 188 15.48 8.25 -3.22
C SER A 188 16.38 8.81 -4.30
N ARG A 189 16.32 8.22 -5.47
CA ARG A 189 17.04 8.70 -6.65
C ARG A 189 16.11 9.27 -7.70
N TYR A 190 14.82 8.92 -7.62
CA TYR A 190 13.84 9.33 -8.57
C TYR A 190 12.49 9.19 -7.88
N VAL A 191 11.57 10.13 -8.15
CA VAL A 191 10.25 10.16 -7.49
C VAL A 191 9.21 10.24 -8.63
N PHE A 192 8.27 9.28 -8.66
CA PHE A 192 7.01 9.42 -9.45
C PHE A 192 5.94 10.06 -8.57
N LYS A 193 5.71 11.36 -8.73
CA LYS A 193 5.01 12.12 -7.73
C LYS A 193 3.48 12.03 -7.96
N ASN A 194 2.71 11.71 -6.92
CA ASN A 194 1.22 11.72 -6.94
C ASN A 194 0.71 10.80 -8.01
N VAL A 195 1.41 9.69 -8.22
CA VAL A 195 0.95 8.78 -9.24
C VAL A 195 -0.07 7.76 -8.73
N ASP A 196 -0.44 7.82 -7.46
CA ASP A 196 -1.16 6.67 -6.90
C ASP A 196 -2.03 7.17 -5.79
N GLN A 197 -2.87 6.27 -5.27
CA GLN A 197 -3.87 6.63 -4.26
C GLN A 197 -4.12 5.40 -3.42
N LEU A 198 -4.27 5.59 -2.12
CA LEU A 198 -4.43 4.44 -1.21
C LEU A 198 -5.87 4.47 -0.74
N GLY A 199 -6.50 3.31 -0.66
CA GLY A 199 -7.90 3.22 -0.19
C GLY A 199 -8.13 1.96 0.65
N ILE A 200 -9.28 1.86 1.31
CA ILE A 200 -9.69 0.60 1.92
C ILE A 200 -10.41 -0.27 0.83
N ALA A 201 -10.10 -1.57 0.76
CA ALA A 201 -10.71 -2.44 -0.26
C ALA A 201 -11.88 -3.23 0.36
N PHE A 202 -12.86 -3.51 -0.51
CA PHE A 202 -14.13 -4.19 -0.15
C PHE A 202 -14.49 -5.22 -1.24
N LYS A 203 -15.16 -6.33 -0.88
CA LYS A 203 -15.57 -7.29 -1.89
C LYS A 203 -16.53 -6.59 -2.86
N LYS A 204 -16.54 -7.05 -4.09
CA LYS A 204 -17.26 -6.36 -5.17
C LYS A 204 -18.75 -6.28 -4.84
N GLY A 205 -19.37 -5.11 -5.01
CA GLY A 205 -20.80 -5.03 -4.72
C GLY A 205 -21.07 -4.75 -3.25
N SER A 206 -20.06 -4.73 -2.38
CA SER A 206 -20.40 -4.62 -0.94
C SER A 206 -21.01 -3.27 -0.56
N PRO A 207 -22.12 -3.27 0.25
CA PRO A 207 -22.67 -1.99 0.73
C PRO A 207 -21.77 -1.38 1.79
N VAL A 208 -20.87 -2.20 2.36
CA VAL A 208 -19.94 -1.65 3.34
C VAL A 208 -19.05 -0.55 2.68
N ARG A 209 -18.63 -0.73 1.42
CA ARG A 209 -17.84 0.30 0.74
C ARG A 209 -18.57 1.66 0.78
N ASP A 210 -19.86 1.63 0.46
CA ASP A 210 -20.69 2.86 0.34
C ASP A 210 -20.86 3.50 1.72
N ASP A 211 -21.19 2.68 2.71
CA ASP A 211 -21.32 3.16 4.13
C ASP A 211 -20.01 3.68 4.77
N PHE A 212 -18.88 3.04 4.43
CA PHE A 212 -17.57 3.55 4.83
C PHE A 212 -17.30 4.90 4.19
N ASN A 213 -17.63 5.05 2.91
CA ASN A 213 -17.43 6.35 2.24
C ASN A 213 -18.29 7.37 2.98
N LEU A 214 -19.54 7.02 3.30
CA LEU A 214 -20.40 7.95 4.01
C LEU A 214 -19.78 8.36 5.38
N TRP A 215 -19.31 7.36 6.14
CA TRP A 215 -18.60 7.59 7.39
C TRP A 215 -17.38 8.50 7.21
N LEU A 216 -16.59 8.30 6.16
CA LEU A 216 -15.49 9.20 5.88
C LEU A 216 -15.98 10.65 5.82
N LYS A 217 -17.17 10.83 5.25
CA LYS A 217 -17.73 12.15 4.97
C LYS A 217 -18.48 12.65 6.19
N GLU A 218 -18.88 11.75 7.08
CA GLU A 218 -19.43 12.17 8.36
C GLU A 218 -18.32 12.76 9.17
N GLN A 219 -17.17 12.09 9.18
CA GLN A 219 -15.98 12.58 9.83
C GLN A 219 -15.52 13.90 9.25
N GLY A 220 -15.39 13.96 7.91
CA GLY A 220 -14.95 15.12 7.21
C GLY A 220 -13.48 15.02 7.05
N PRO A 221 -12.94 15.77 6.07
CA PRO A 221 -11.55 15.76 5.59
C PRO A 221 -10.53 16.20 6.60
N GLN A 222 -10.87 17.16 7.45
CA GLN A 222 -9.91 17.57 8.48
C GLN A 222 -9.61 16.41 9.46
N LYS A 223 -10.66 15.78 10.00
CA LYS A 223 -10.48 14.62 10.90
C LYS A 223 -9.72 13.45 10.23
N ILE A 224 -10.07 13.14 8.97
CA ILE A 224 -9.42 12.01 8.28
C ILE A 224 -7.96 12.32 7.98
N SER A 225 -7.67 13.50 7.43
CA SER A 225 -6.24 13.89 7.25
C SER A 225 -5.49 13.90 8.56
N GLY A 226 -6.17 14.37 9.61
CA GLY A 226 -5.58 14.41 10.95
C GLY A 226 -5.07 13.04 11.29
N ILE A 227 -5.97 12.07 11.15
CA ILE A 227 -5.66 10.67 11.43
C ILE A 227 -4.48 10.21 10.61
N VAL A 228 -4.55 10.43 9.31
CA VAL A 228 -3.48 10.01 8.41
C VAL A 228 -2.17 10.70 8.78
N ASP A 229 -2.19 12.04 8.91
CA ASP A 229 -0.93 12.77 9.31
C ASP A 229 -0.37 12.38 10.66
N SER A 230 -1.25 12.15 11.63
CA SER A 230 -0.82 11.66 12.95
C SER A 230 0.14 10.52 12.85
N TRP A 231 -0.16 9.57 11.98
CA TRP A 231 0.65 8.37 11.93
C TRP A 231 1.89 8.63 11.14
N LYS A 233 3.46 11.74 11.03
CA LYS A 233 4.27 12.55 11.98
C LYS A 233 4.93 11.72 13.12
N ALA A 234 4.32 10.58 13.49
CA ALA A 234 4.76 9.75 14.65
C ALA A 234 6.25 9.31 14.62
#